data_5Z4C
#
_entry.id   5Z4C
#
_cell.length_a   62.016
_cell.length_b   84.839
_cell.length_c   148.671
_cell.angle_alpha   90.000
_cell.angle_beta   90.000
_cell.angle_gamma   90.000
#
_symmetry.space_group_name_H-M   'C 2 2 21'
#
loop_
_entity.id
_entity.type
_entity.pdbx_description
1 polymer 'Terminal uridylyltransferase Tailor'
2 water water
#
_entity_poly.entity_id   1
_entity_poly.type   'polypeptide(L)'
_entity_poly.pdbx_seq_one_letter_code
;HMQHITVRLPKKARAMIVGEITNVFKDKYPIADKLKVIPEYDVIEQDLCKLLSPGFPKQPLRVYKFGSRITGIGNRSSDL
DLFVDIGNTFHTFEHRASNATVAKLRAMRKFFCDSEDWRLINFIEQARVPIIKTCHLPTGIECDICLNSMGFCNTNLLKY
IFESQPLTQYMCIYVKNWLERCKLTEQISTYSITLMVIYFLQLQALLPPIAMLQIEDAANQAVLVGPWVVNFAQKSFSEL
GLQQLKATVPVIKGFLRNFFAYFAKFDYEHFLVCPYIGQANVEIAKIERMLHARYSAYVSDNPECSIQLKKPMVVQDPIQ
LNHNVTKAVTKYGLQTFVDYCQQTAELLEEPSTNWRQRYAF
;
_entity_poly.pdbx_strand_id   A
#
# COMPACT_ATOMS: atom_id res chain seq x y z
N MET A 2 23.81 -16.82 -9.24
CA MET A 2 23.78 -17.74 -10.37
C MET A 2 22.46 -17.59 -11.11
N GLN A 3 22.47 -16.86 -12.23
CA GLN A 3 21.26 -16.52 -12.95
C GLN A 3 20.68 -17.68 -13.75
N HIS A 4 21.46 -18.72 -13.97
CA HIS A 4 21.01 -19.88 -14.73
C HIS A 4 20.34 -20.94 -13.84
N ILE A 5 20.30 -20.71 -12.53
CA ILE A 5 19.71 -21.63 -11.56
C ILE A 5 18.55 -20.93 -10.88
N THR A 6 17.43 -21.62 -10.74
CA THR A 6 16.27 -21.04 -10.06
C THR A 6 16.54 -20.94 -8.56
N VAL A 7 16.13 -19.83 -7.96
CA VAL A 7 16.13 -19.70 -6.51
C VAL A 7 15.00 -20.56 -5.97
N ARG A 8 15.31 -21.47 -5.05
CA ARG A 8 14.32 -22.42 -4.57
C ARG A 8 13.34 -21.74 -3.61
N LEU A 9 12.07 -22.05 -3.77
CA LEU A 9 11.02 -21.52 -2.91
C LEU A 9 11.29 -21.95 -1.46
N PRO A 10 11.21 -21.05 -0.48
CA PRO A 10 11.47 -21.46 0.91
C PRO A 10 10.43 -22.46 1.39
N LYS A 11 10.88 -23.44 2.18
CA LYS A 11 9.98 -24.49 2.65
C LYS A 11 8.81 -23.92 3.44
N LYS A 12 9.00 -22.81 4.14
CA LYS A 12 7.91 -22.21 4.91
C LYS A 12 6.81 -21.74 3.99
N ALA A 13 7.18 -21.21 2.82
CA ALA A 13 6.18 -20.84 1.82
C ALA A 13 5.59 -22.08 1.17
N ARG A 14 6.44 -23.03 0.77
CA ARG A 14 5.94 -24.22 0.09
C ARG A 14 4.86 -24.93 0.90
N ALA A 15 5.05 -25.07 2.22
CA ALA A 15 4.08 -25.86 2.98
C ALA A 15 2.71 -25.20 2.98
N MET A 16 2.67 -23.87 2.95
CA MET A 16 1.44 -23.11 2.96
C MET A 16 0.75 -23.13 1.61
N ILE A 17 1.54 -23.19 0.53
CA ILE A 17 1.00 -23.16 -0.81
C ILE A 17 0.39 -24.51 -1.14
N VAL A 18 1.10 -25.60 -0.80
CA VAL A 18 0.57 -26.94 -1.02
C VAL A 18 -0.54 -27.24 -0.03
N GLY A 19 -0.49 -26.62 1.16
CA GLY A 19 -1.58 -26.77 2.10
C GLY A 19 -2.88 -26.20 1.55
N GLU A 20 -3.97 -26.75 2.04
CA GLU A 20 -5.30 -26.32 1.60
C GLU A 20 -5.43 -24.81 1.76
N ILE A 21 -5.89 -24.15 0.71
CA ILE A 21 -6.08 -22.69 0.77
C ILE A 21 -7.11 -22.32 1.82
N THR A 22 -8.00 -23.24 2.20
CA THR A 22 -8.96 -22.90 3.25
C THR A 22 -8.23 -22.52 4.53
N ASN A 23 -7.26 -23.37 4.95
CA ASN A 23 -6.42 -23.07 6.10
C ASN A 23 -5.85 -21.67 6.02
N VAL A 24 -5.56 -21.18 4.82
CA VAL A 24 -4.98 -19.83 4.74
C VAL A 24 -5.95 -18.83 5.34
N PHE A 25 -7.24 -18.94 4.98
CA PHE A 25 -8.23 -17.96 5.31
C PHE A 25 -9.06 -18.31 6.54
N LYS A 26 -9.08 -19.57 6.96
CA LYS A 26 -10.10 -19.99 7.92
C LYS A 26 -10.17 -19.00 9.09
N ASP A 27 -9.02 -18.66 9.67
CA ASP A 27 -8.95 -17.65 10.69
C ASP A 27 -8.57 -16.28 10.15
N LYS A 28 -7.84 -16.19 9.04
CA LYS A 28 -7.24 -14.91 8.66
C LYS A 28 -8.26 -13.90 8.15
N TYR A 29 -9.19 -14.29 7.28
CA TYR A 29 -10.11 -13.29 6.74
C TYR A 29 -11.02 -12.76 7.83
N PRO A 30 -11.65 -13.60 8.66
CA PRO A 30 -12.53 -13.03 9.69
C PRO A 30 -11.77 -12.13 10.65
N ILE A 31 -10.53 -12.49 11.01
CA ILE A 31 -9.74 -11.62 11.87
C ILE A 31 -9.49 -10.28 11.18
N ALA A 32 -9.03 -10.32 9.93
CA ALA A 32 -8.73 -9.08 9.21
C ALA A 32 -9.97 -8.21 9.09
N ASP A 33 -11.12 -8.82 8.80
CA ASP A 33 -12.36 -8.05 8.70
C ASP A 33 -12.68 -7.36 10.02
N LYS A 34 -12.59 -8.11 11.11
CA LYS A 34 -12.86 -7.56 12.43
C LYS A 34 -11.92 -6.42 12.74
N LEU A 35 -10.67 -6.56 12.38
CA LEU A 35 -9.72 -5.52 12.76
C LEU A 35 -9.88 -4.23 11.97
N LYS A 36 -10.79 -4.15 10.99
CA LYS A 36 -11.01 -2.84 10.37
C LYS A 36 -11.53 -1.81 11.36
N VAL A 37 -12.30 -2.26 12.36
CA VAL A 37 -12.88 -1.34 13.34
C VAL A 37 -12.91 -2.05 14.67
N ILE A 38 -12.10 -1.61 15.63
CA ILE A 38 -12.24 -2.06 17.01
C ILE A 38 -12.16 -0.87 17.92
N PRO A 39 -12.74 -0.97 19.12
CA PRO A 39 -12.80 0.21 19.99
C PRO A 39 -11.43 0.66 20.46
N GLU A 40 -10.44 -0.23 20.46
CA GLU A 40 -9.09 0.17 20.81
C GLU A 40 -8.62 1.35 19.98
N TYR A 41 -9.00 1.43 18.70
CA TYR A 41 -8.46 2.50 17.87
C TYR A 41 -8.96 3.86 18.34
N ASP A 42 -10.17 3.95 18.88
CA ASP A 42 -10.67 5.23 19.40
C ASP A 42 -9.88 5.66 20.62
N VAL A 43 -9.52 4.70 21.47
CA VAL A 43 -8.67 5.00 22.62
C VAL A 43 -7.34 5.58 22.15
N ILE A 44 -6.72 4.92 21.17
CA ILE A 44 -5.45 5.39 20.66
C ILE A 44 -5.58 6.80 20.12
N GLU A 45 -6.60 7.04 19.29
CA GLU A 45 -6.80 8.35 18.69
C GLU A 45 -6.99 9.42 19.76
N GLN A 46 -7.82 9.12 20.75
CA GLN A 46 -8.07 10.09 21.82
C GLN A 46 -6.79 10.33 22.61
N ASP A 47 -6.08 9.26 22.98
CA ASP A 47 -4.86 9.41 23.76
C ASP A 47 -3.81 10.20 22.99
N LEU A 48 -3.74 9.99 21.68
CA LEU A 48 -2.78 10.74 20.88
C LEU A 48 -3.13 12.23 20.88
N CYS A 49 -4.42 12.55 20.73
CA CYS A 49 -4.81 13.96 20.73
C CYS A 49 -4.50 14.59 22.09
N LYS A 50 -4.87 13.91 23.16
CA LYS A 50 -4.61 14.44 24.50
C LYS A 50 -3.13 14.68 24.70
N LEU A 51 -2.28 13.76 24.20
CA LEU A 51 -0.85 13.86 24.44
C LEU A 51 -0.26 15.04 23.68
N LEU A 52 -0.62 15.18 22.41
CA LEU A 52 0.06 16.12 21.52
C LEU A 52 -0.57 17.50 21.48
N SER A 53 -1.86 17.63 21.77
CA SER A 53 -2.52 18.93 21.63
C SER A 53 -1.84 19.99 22.48
N PRO A 54 -1.69 19.78 23.80
CA PRO A 54 -0.98 20.77 24.62
C PRO A 54 0.33 21.26 24.01
N GLY A 55 1.01 20.44 23.20
CA GLY A 55 2.28 20.80 22.62
C GLY A 55 2.22 21.61 21.34
N PHE A 56 1.03 21.88 20.84
CA PHE A 56 0.81 22.61 19.60
C PHE A 56 -0.45 23.43 19.78
N PRO A 57 -0.51 24.24 20.85
CA PRO A 57 -1.82 24.69 21.37
C PRO A 57 -2.57 25.62 20.45
N LYS A 58 -1.92 26.24 19.47
CA LYS A 58 -2.57 27.20 18.60
C LYS A 58 -3.04 26.62 17.26
N GLN A 59 -3.02 25.29 17.12
CA GLN A 59 -3.28 24.71 15.80
C GLN A 59 -4.34 23.63 15.88
N PRO A 60 -5.13 23.46 14.83
CA PRO A 60 -6.02 22.30 14.79
C PRO A 60 -5.21 21.01 14.75
N LEU A 61 -5.79 19.95 15.31
CA LEU A 61 -5.14 18.66 15.33
C LEU A 61 -6.16 17.59 14.98
N ARG A 62 -5.81 16.74 14.01
CA ARG A 62 -6.66 15.64 13.60
C ARG A 62 -5.78 14.42 13.44
N VAL A 63 -6.29 13.26 13.83
CA VAL A 63 -5.60 11.99 13.68
C VAL A 63 -6.33 11.16 12.64
N TYR A 64 -5.59 10.61 11.69
CA TYR A 64 -6.12 9.79 10.61
C TYR A 64 -5.48 8.41 10.73
N LYS A 65 -6.27 7.40 11.02
CA LYS A 65 -5.68 6.07 11.10
C LYS A 65 -5.74 5.38 9.74
N PHE A 66 -4.71 4.57 9.47
CA PHE A 66 -4.63 3.93 8.18
C PHE A 66 -3.75 2.69 8.27
N GLY A 67 -3.53 2.04 7.12
CA GLY A 67 -2.71 0.85 7.05
C GLY A 67 -3.54 -0.43 6.99
N SER A 68 -2.81 -1.54 7.13
CA SER A 68 -3.39 -2.86 6.84
C SER A 68 -4.56 -3.17 7.74
N ARG A 69 -4.50 -2.77 9.02
CA ARG A 69 -5.67 -2.99 9.87
C ARG A 69 -6.89 -2.33 9.28
N ILE A 70 -6.75 -1.09 8.85
CA ILE A 70 -7.88 -0.27 8.43
C ILE A 70 -8.44 -0.75 7.08
N THR A 71 -7.56 -1.18 6.17
CA THR A 71 -8.05 -1.67 4.88
C THR A 71 -8.64 -3.07 4.94
N GLY A 72 -8.31 -3.88 5.94
CA GLY A 72 -8.86 -5.22 6.05
C GLY A 72 -7.93 -6.37 5.71
N ILE A 73 -6.62 -6.20 5.82
CA ILE A 73 -5.71 -7.30 5.57
C ILE A 73 -4.74 -7.45 6.76
N GLY A 74 -5.12 -6.92 7.92
CA GLY A 74 -4.29 -7.00 9.11
C GLY A 74 -4.52 -8.26 9.96
N ASN A 75 -3.65 -8.42 10.95
CA ASN A 75 -3.72 -9.50 11.92
C ASN A 75 -3.43 -8.89 13.31
N ARG A 76 -3.48 -9.71 14.35
CA ARG A 76 -3.40 -9.13 15.69
C ARG A 76 -2.04 -8.50 15.97
N SER A 77 -0.99 -8.93 15.26
CA SER A 77 0.35 -8.36 15.46
C SER A 77 0.61 -7.14 14.58
N SER A 78 -0.32 -6.76 13.72
CA SER A 78 -0.12 -5.63 12.81
C SER A 78 0.06 -4.31 13.56
N ASP A 79 0.90 -3.44 13.01
N ASP A 79 0.90 -3.45 12.99
CA ASP A 79 0.98 -2.09 13.55
CA ASP A 79 0.98 -2.07 13.41
C ASP A 79 -0.18 -1.25 12.98
C ASP A 79 -0.35 -1.37 13.13
N LEU A 80 -0.48 -0.17 13.67
CA LEU A 80 -1.49 0.78 13.26
C LEU A 80 -0.75 2.03 12.80
N ASP A 81 -1.06 2.50 11.61
CA ASP A 81 -0.45 3.72 11.09
C ASP A 81 -1.35 4.90 11.42
N LEU A 82 -0.71 5.99 11.86
CA LEU A 82 -1.46 7.18 12.25
C LEU A 82 -0.81 8.38 11.61
N PHE A 83 -1.60 9.17 10.87
CA PHE A 83 -1.16 10.46 10.37
C PHE A 83 -1.72 11.50 11.32
N VAL A 84 -0.84 12.26 11.93
CA VAL A 84 -1.20 13.35 12.83
C VAL A 84 -1.07 14.62 12.02
N ASP A 85 -2.20 15.27 11.78
CA ASP A 85 -2.23 16.51 11.01
C ASP A 85 -2.37 17.66 11.98
N ILE A 86 -1.29 18.39 12.14
CA ILE A 86 -1.22 19.57 13.01
C ILE A 86 -1.08 20.77 12.09
N GLY A 87 -2.10 21.61 12.07
CA GLY A 87 -2.03 22.84 11.29
C GLY A 87 -2.41 22.72 9.84
N ASN A 88 -3.37 21.87 9.51
CA ASN A 88 -3.86 21.74 8.14
C ASN A 88 -2.73 21.51 7.13
N THR A 89 -1.96 20.45 7.37
CA THR A 89 -0.92 20.03 6.44
C THR A 89 -1.34 18.92 5.50
N PHE A 90 -2.60 18.46 5.57
CA PHE A 90 -3.05 17.33 4.78
C PHE A 90 -2.73 17.49 3.30
N HIS A 91 -2.91 18.71 2.79
CA HIS A 91 -2.82 18.96 1.36
C HIS A 91 -1.43 19.38 0.91
N THR A 92 -0.42 19.22 1.77
CA THR A 92 0.95 19.63 1.47
C THR A 92 1.73 18.38 1.13
N PHE A 93 2.39 18.39 -0.03
CA PHE A 93 3.18 17.25 -0.48
C PHE A 93 4.65 17.57 -0.26
N GLU A 94 5.36 16.60 0.32
CA GLU A 94 6.79 16.69 0.57
C GLU A 94 7.46 15.44 0.01
N HIS A 95 8.20 15.62 -1.09
CA HIS A 95 8.92 14.48 -1.68
C HIS A 95 9.90 13.90 -0.66
N ARG A 96 10.75 14.75 -0.10
CA ARG A 96 11.51 14.42 1.08
C ARG A 96 11.05 15.37 2.18
N ALA A 97 10.97 14.85 3.40
CA ALA A 97 10.49 15.64 4.52
C ALA A 97 11.28 16.94 4.64
N SER A 98 10.56 18.04 4.82
CA SER A 98 11.17 19.33 5.02
C SER A 98 11.77 19.44 6.42
N ASN A 99 12.63 20.44 6.59
CA ASN A 99 13.21 20.73 7.90
C ASN A 99 12.12 20.97 8.93
N ALA A 100 11.06 21.68 8.54
CA ALA A 100 9.99 21.99 9.49
C ALA A 100 9.28 20.71 9.90
N THR A 101 9.10 19.79 8.97
CA THR A 101 8.49 18.50 9.29
C THR A 101 9.37 17.70 10.25
N VAL A 102 10.67 17.62 9.95
CA VAL A 102 11.60 16.93 10.85
C VAL A 102 11.57 17.57 12.23
N ALA A 103 11.51 18.89 12.29
CA ALA A 103 11.50 19.56 13.57
C ALA A 103 10.24 19.20 14.36
N LYS A 104 9.08 19.11 13.68
CA LYS A 104 7.85 18.69 14.35
C LYS A 104 7.97 17.26 14.84
N LEU A 105 8.50 16.37 14.02
CA LEU A 105 8.64 14.98 14.47
C LEU A 105 9.56 14.88 15.67
N ARG A 106 10.67 15.64 15.65
CA ARG A 106 11.60 15.59 16.77
C ARG A 106 10.95 16.08 18.05
N ALA A 107 10.10 17.10 17.94
CA ALA A 107 9.38 17.59 19.11
C ALA A 107 8.36 16.57 19.61
N MET A 108 7.73 15.85 18.69
CA MET A 108 6.73 14.87 19.09
C MET A 108 7.38 13.70 19.82
N ARG A 109 8.59 13.32 19.40
CA ARG A 109 9.31 12.21 20.02
C ARG A 109 9.38 12.38 21.53
N LYS A 110 9.66 13.61 21.98
CA LYS A 110 9.78 13.87 23.41
C LYS A 110 8.49 13.56 24.16
N PHE A 111 7.34 13.89 23.57
CA PHE A 111 6.07 13.62 24.23
C PHE A 111 5.90 12.13 24.46
N PHE A 112 6.16 11.31 23.45
CA PHE A 112 6.03 9.87 23.62
C PHE A 112 7.03 9.37 24.63
N CYS A 113 8.25 9.90 24.57
CA CYS A 113 9.30 9.54 25.51
C CYS A 113 8.86 9.79 26.95
N ASP A 114 8.33 10.99 27.22
CA ASP A 114 7.96 11.36 28.58
C ASP A 114 6.72 10.63 29.05
N SER A 115 5.84 10.25 28.14
CA SER A 115 4.54 9.73 28.53
C SER A 115 4.66 8.30 29.02
N GLU A 116 3.99 8.04 30.14
CA GLU A 116 3.89 6.68 30.68
C GLU A 116 3.06 5.78 29.80
N ASP A 117 2.13 6.34 29.02
CA ASP A 117 1.21 5.54 28.21
C ASP A 117 1.82 5.07 26.90
N TRP A 118 3.02 5.52 26.56
CA TRP A 118 3.63 5.21 25.28
C TRP A 118 5.07 4.76 25.49
N ARG A 119 5.44 3.69 24.81
CA ARG A 119 6.83 3.25 24.75
C ARG A 119 7.39 3.64 23.40
N LEU A 120 8.47 4.39 23.41
CA LEU A 120 9.14 4.76 22.18
C LEU A 120 10.00 3.60 21.73
N ILE A 121 9.76 3.13 20.51
CA ILE A 121 10.45 1.99 19.93
C ILE A 121 11.60 2.44 19.04
N ASN A 122 11.32 3.32 18.11
CA ASN A 122 12.37 3.87 17.28
C ASN A 122 11.91 5.23 16.77
N PHE A 123 12.88 6.09 16.51
CA PHE A 123 12.70 7.38 15.86
C PHE A 123 13.47 7.32 14.54
N ILE A 124 12.76 7.23 13.43
CA ILE A 124 13.37 6.98 12.13
C ILE A 124 13.24 8.25 11.32
N GLU A 125 14.33 9.01 11.29
CA GLU A 125 14.38 10.35 10.72
C GLU A 125 14.86 10.34 9.28
N GLN A 126 15.69 9.35 8.90
CA GLN A 126 16.26 9.32 7.57
C GLN A 126 15.25 8.87 6.52
N ALA A 127 14.24 8.08 6.90
CA ALA A 127 13.31 7.48 5.95
C ALA A 127 12.71 8.47 4.95
N ARG A 128 12.24 7.96 3.81
CA ARG A 128 11.49 8.82 2.88
C ARG A 128 10.29 9.44 3.58
N VAL A 129 9.58 8.64 4.37
CA VAL A 129 8.53 9.12 5.27
C VAL A 129 9.06 8.94 6.68
N PRO A 130 9.63 9.96 7.31
CA PRO A 130 10.07 9.82 8.70
C PRO A 130 8.90 9.42 9.59
N ILE A 131 9.17 8.56 10.57
CA ILE A 131 8.10 8.06 11.43
C ILE A 131 8.58 7.93 12.85
N ILE A 132 7.63 8.01 13.77
CA ILE A 132 7.86 7.62 15.14
C ILE A 132 7.21 6.27 15.33
N LYS A 133 7.99 5.25 15.70
CA LYS A 133 7.43 3.96 16.04
C LYS A 133 7.28 3.91 17.55
N THR A 134 6.08 3.60 18.01
CA THR A 134 5.79 3.65 19.42
C THR A 134 4.71 2.63 19.74
N CYS A 135 4.75 2.13 20.96
CA CYS A 135 3.73 1.19 21.41
C CYS A 135 2.74 1.91 22.31
N HIS A 136 1.46 1.80 22.01
CA HIS A 136 0.43 2.35 22.88
C HIS A 136 0.18 1.35 24.00
N LEU A 137 0.65 1.68 25.20
CA LEU A 137 0.76 0.64 26.22
C LEU A 137 -0.60 0.19 26.72
N PRO A 138 -1.61 1.07 26.82
CA PRO A 138 -2.91 0.57 27.30
C PRO A 138 -3.51 -0.51 26.41
N THR A 139 -3.28 -0.45 25.10
CA THR A 139 -3.78 -1.47 24.18
C THR A 139 -2.72 -2.47 23.72
N GLY A 140 -1.45 -2.15 23.87
CA GLY A 140 -0.40 -2.99 23.32
C GLY A 140 -0.23 -2.92 21.82
N ILE A 141 -0.89 -2.00 21.13
CA ILE A 141 -0.79 -1.92 19.68
C ILE A 141 0.36 -1.01 19.31
N GLU A 142 1.23 -1.49 18.45
CA GLU A 142 2.34 -0.69 17.95
C GLU A 142 1.79 0.28 16.93
N CYS A 143 2.18 1.54 17.05
CA CYS A 143 1.67 2.61 16.20
C CYS A 143 2.83 3.26 15.48
N ASP A 144 2.66 3.48 14.19
CA ASP A 144 3.64 4.18 13.37
C ASP A 144 3.06 5.56 13.08
N ILE A 145 3.69 6.59 13.62
CA ILE A 145 3.16 7.95 13.57
C ILE A 145 3.91 8.73 12.50
N CYS A 146 3.17 9.34 11.56
CA CYS A 146 3.79 10.12 10.51
C CYS A 146 3.08 11.45 10.36
N LEU A 147 3.68 12.32 9.54
CA LEU A 147 3.21 13.68 9.30
C LEU A 147 2.89 13.91 7.83
N ASN A 148 2.55 12.85 7.11
CA ASN A 148 2.37 12.81 5.67
C ASN A 148 1.01 12.18 5.43
N SER A 149 0.18 12.82 4.60
CA SER A 149 -1.17 12.28 4.37
C SER A 149 -1.24 11.22 3.30
N MET A 150 -0.17 10.95 2.57
CA MET A 150 -0.33 10.11 1.38
C MET A 150 -0.72 8.67 1.71
N GLY A 151 -0.17 8.09 2.78
CA GLY A 151 -0.56 6.71 3.08
C GLY A 151 -2.01 6.58 3.46
N PHE A 152 -2.55 7.56 4.18
CA PHE A 152 -3.97 7.59 4.50
C PHE A 152 -4.82 7.67 3.23
N CYS A 153 -4.42 8.50 2.27
CA CYS A 153 -5.13 8.55 1.00
C CYS A 153 -5.10 7.19 0.31
N ASN A 154 -3.95 6.50 0.34
CA ASN A 154 -3.88 5.17 -0.26
C ASN A 154 -4.83 4.21 0.42
N THR A 155 -4.88 4.26 1.75
CA THR A 155 -5.77 3.39 2.51
C THR A 155 -7.23 3.60 2.08
N ASN A 156 -7.68 4.84 1.88
CA ASN A 156 -9.07 5.03 1.50
C ASN A 156 -9.38 4.47 0.10
N LEU A 157 -8.43 4.54 -0.83
CA LEU A 157 -8.58 3.92 -2.13
C LEU A 157 -8.62 2.40 -2.02
N LEU A 158 -7.74 1.81 -1.22
CA LEU A 158 -7.79 0.36 -1.05
C LEU A 158 -9.10 -0.09 -0.41
N LYS A 159 -9.59 0.66 0.58
CA LYS A 159 -10.86 0.31 1.19
C LYS A 159 -11.96 0.25 0.15
N TYR A 160 -12.06 1.28 -0.70
CA TYR A 160 -13.07 1.27 -1.73
C TYR A 160 -12.93 0.04 -2.63
N ILE A 161 -11.68 -0.24 -3.05
CA ILE A 161 -11.38 -1.36 -3.93
C ILE A 161 -11.77 -2.66 -3.26
N PHE A 162 -11.30 -2.88 -2.03
CA PHE A 162 -11.56 -4.15 -1.33
C PHE A 162 -13.05 -4.34 -1.02
N GLU A 163 -13.73 -3.26 -0.62
CA GLU A 163 -15.17 -3.37 -0.34
C GLU A 163 -15.98 -3.65 -1.59
N SER A 164 -15.59 -3.07 -2.72
CA SER A 164 -16.30 -3.25 -3.99
C SER A 164 -16.06 -4.63 -4.59
N GLN A 165 -14.89 -5.19 -4.38
CA GLN A 165 -14.45 -6.42 -5.04
C GLN A 165 -13.65 -7.22 -4.02
N PRO A 166 -14.33 -7.88 -3.08
CA PRO A 166 -13.65 -8.57 -1.98
C PRO A 166 -12.60 -9.60 -2.38
N LEU A 167 -12.74 -10.26 -3.53
CA LEU A 167 -11.67 -11.09 -4.05
C LEU A 167 -10.32 -10.41 -3.88
N THR A 168 -10.27 -9.11 -4.17
CA THR A 168 -9.02 -8.38 -4.04
C THR A 168 -8.47 -8.51 -2.63
N GLN A 169 -9.34 -8.38 -1.63
CA GLN A 169 -8.93 -8.44 -0.23
C GLN A 169 -8.41 -9.80 0.14
N TYR A 170 -9.12 -10.86 -0.27
CA TYR A 170 -8.64 -12.21 0.01
C TYR A 170 -7.28 -12.44 -0.63
N MET A 171 -7.13 -12.04 -1.89
CA MET A 171 -5.85 -12.20 -2.58
C MET A 171 -4.75 -11.47 -1.85
N CYS A 172 -5.04 -10.25 -1.38
CA CYS A 172 -4.01 -9.47 -0.70
C CYS A 172 -3.62 -10.10 0.63
N ILE A 173 -4.57 -10.67 1.38
CA ILE A 173 -4.20 -11.39 2.60
C ILE A 173 -3.27 -12.54 2.26
N TYR A 174 -3.58 -13.27 1.20
CA TYR A 174 -2.76 -14.43 0.83
C TYR A 174 -1.36 -13.99 0.43
N VAL A 175 -1.23 -13.01 -0.46
CA VAL A 175 0.08 -12.66 -0.97
C VAL A 175 0.91 -11.96 0.10
N LYS A 176 0.27 -11.23 1.03
CA LYS A 176 0.99 -10.68 2.18
C LYS A 176 1.63 -11.80 2.99
N ASN A 177 0.87 -12.85 3.28
CA ASN A 177 1.42 -13.97 4.03
C ASN A 177 2.50 -14.69 3.22
N TRP A 178 2.30 -14.80 1.92
CA TRP A 178 3.27 -15.44 1.04
C TRP A 178 4.60 -14.69 1.06
N LEU A 179 4.53 -13.35 0.97
CA LEU A 179 5.74 -12.53 1.01
C LEU A 179 6.51 -12.75 2.29
N GLU A 180 5.78 -12.78 3.41
CA GLU A 180 6.42 -13.01 4.70
C GLU A 180 7.11 -14.37 4.76
N ARG A 181 6.44 -15.42 4.32
CA ARG A 181 7.01 -16.75 4.40
C ARG A 181 8.16 -16.91 3.41
N CYS A 182 8.12 -16.14 2.32
CA CYS A 182 9.22 -16.14 1.36
C CYS A 182 10.41 -15.28 1.79
N LYS A 183 10.28 -14.58 2.92
CA LYS A 183 11.28 -13.65 3.41
C LYS A 183 11.68 -12.62 2.35
N LEU A 184 10.66 -12.05 1.68
CA LEU A 184 10.87 -11.02 0.67
C LEU A 184 10.51 -9.61 1.13
N THR A 185 10.11 -9.41 2.38
CA THR A 185 9.54 -8.11 2.72
C THR A 185 10.59 -7.00 2.78
N GLU A 186 11.87 -7.33 2.88
CA GLU A 186 12.90 -6.29 2.83
C GLU A 186 12.93 -5.61 1.46
N GLN A 187 12.50 -6.31 0.41
CA GLN A 187 12.54 -5.76 -0.94
C GLN A 187 11.17 -5.42 -1.48
N ILE A 188 10.15 -6.22 -1.20
CA ILE A 188 8.83 -6.03 -1.76
C ILE A 188 7.85 -5.91 -0.61
N SER A 189 7.27 -4.72 -0.47
CA SER A 189 6.40 -4.43 0.66
C SER A 189 5.01 -5.02 0.43
N THR A 190 4.23 -5.10 1.51
CA THR A 190 2.83 -5.50 1.37
C THR A 190 2.08 -4.56 0.43
N TYR A 191 2.32 -3.27 0.54
CA TYR A 191 1.64 -2.33 -0.36
C TYR A 191 2.04 -2.54 -1.81
N SER A 192 3.31 -2.82 -2.08
CA SER A 192 3.72 -3.09 -3.47
C SER A 192 2.97 -4.27 -4.05
N ILE A 193 2.87 -5.37 -3.31
CA ILE A 193 2.19 -6.52 -3.89
C ILE A 193 0.69 -6.27 -3.93
N THR A 194 0.16 -5.42 -3.06
CA THR A 194 -1.25 -5.05 -3.15
C THR A 194 -1.54 -4.34 -4.48
N LEU A 195 -0.64 -3.43 -4.87
CA LEU A 195 -0.81 -2.76 -6.14
C LEU A 195 -0.67 -3.74 -7.32
N MET A 196 0.18 -4.75 -7.17
CA MET A 196 0.28 -5.79 -8.19
C MET A 196 -0.99 -6.61 -8.30
N VAL A 197 -1.62 -6.94 -7.17
CA VAL A 197 -2.91 -7.62 -7.22
C VAL A 197 -3.93 -6.75 -7.94
N ILE A 198 -4.02 -5.47 -7.54
CA ILE A 198 -4.96 -4.55 -8.16
C ILE A 198 -4.74 -4.50 -9.68
N TYR A 199 -3.50 -4.32 -10.11
CA TYR A 199 -3.20 -4.21 -11.54
C TYR A 199 -3.59 -5.49 -12.26
N PHE A 200 -3.27 -6.64 -11.69
CA PHE A 200 -3.66 -7.91 -12.29
C PHE A 200 -5.18 -8.00 -12.47
N LEU A 201 -5.95 -7.59 -11.46
CA LEU A 201 -7.41 -7.69 -11.59
C LEU A 201 -7.96 -6.64 -12.53
N GLN A 202 -7.32 -5.48 -12.68
CA GLN A 202 -7.74 -4.52 -13.70
C GLN A 202 -7.63 -5.14 -15.08
N LEU A 203 -6.57 -5.93 -15.30
CA LEU A 203 -6.42 -6.57 -16.59
C LEU A 203 -7.50 -7.60 -16.82
N GLN A 204 -8.13 -8.10 -15.76
CA GLN A 204 -9.26 -9.04 -15.93
C GLN A 204 -10.60 -8.33 -15.99
N ALA A 205 -10.61 -7.01 -16.12
CA ALA A 205 -11.84 -6.22 -16.08
C ALA A 205 -12.59 -6.38 -14.77
N LEU A 206 -11.89 -6.60 -13.65
CA LEU A 206 -12.56 -6.74 -12.37
C LEU A 206 -12.34 -5.56 -11.45
N LEU A 207 -11.54 -4.58 -11.86
CA LEU A 207 -11.31 -3.35 -11.13
C LEU A 207 -11.14 -2.24 -12.14
N PRO A 208 -11.51 -1.00 -11.79
CA PRO A 208 -11.33 0.12 -12.72
C PRO A 208 -9.90 0.64 -12.71
N PRO A 209 -9.41 1.19 -13.83
CA PRO A 209 -8.23 2.05 -13.75
C PRO A 209 -8.47 3.18 -12.76
N ILE A 210 -7.44 3.54 -12.01
CA ILE A 210 -7.66 4.63 -11.07
C ILE A 210 -7.84 5.94 -11.84
N ALA A 211 -7.16 6.11 -12.98
CA ALA A 211 -7.35 7.32 -13.77
C ALA A 211 -8.80 7.52 -14.15
N MET A 212 -9.52 6.42 -14.38
N MET A 212 -9.55 6.44 -14.37
CA MET A 212 -10.93 6.49 -14.76
CA MET A 212 -10.93 6.56 -14.79
C MET A 212 -11.77 7.09 -13.64
C MET A 212 -11.88 6.86 -13.63
N LEU A 213 -11.40 6.81 -12.39
CA LEU A 213 -12.13 7.29 -11.23
C LEU A 213 -11.83 8.76 -10.93
N GLN A 214 -10.91 9.39 -11.66
CA GLN A 214 -10.40 10.72 -11.32
C GLN A 214 -10.62 11.73 -12.43
N ILE A 215 -11.60 11.49 -13.30
CA ILE A 215 -11.92 12.51 -14.29
C ILE A 215 -12.30 13.83 -13.63
N GLU A 216 -11.75 14.92 -14.16
CA GLU A 216 -12.01 16.26 -13.66
C GLU A 216 -12.97 16.91 -14.64
N ASP A 217 -14.19 17.21 -14.20
CA ASP A 217 -15.18 17.80 -15.07
C ASP A 217 -16.05 18.73 -14.22
N ALA A 218 -17.21 19.10 -14.77
CA ALA A 218 -18.08 20.06 -14.09
C ALA A 218 -18.57 19.51 -12.77
N ALA A 219 -18.82 18.21 -12.71
CA ALA A 219 -19.38 17.66 -11.48
C ALA A 219 -18.34 17.14 -10.51
N ASN A 220 -17.08 17.00 -10.93
CA ASN A 220 -16.05 16.35 -10.14
C ASN A 220 -14.77 17.18 -10.18
N GLN A 221 -14.33 17.63 -9.00
CA GLN A 221 -13.11 18.39 -8.83
C GLN A 221 -12.11 17.56 -8.03
N ALA A 222 -10.84 17.78 -8.29
CA ALA A 222 -9.80 17.06 -7.57
C ALA A 222 -9.55 17.60 -6.15
N VAL A 223 -9.32 16.66 -5.21
CA VAL A 223 -8.63 16.97 -3.94
C VAL A 223 -7.16 16.80 -4.23
N LEU A 224 -6.37 17.86 -4.02
CA LEU A 224 -4.96 17.83 -4.36
C LEU A 224 -4.10 17.84 -3.11
N VAL A 225 -3.14 16.93 -3.09
CA VAL A 225 -2.02 16.98 -2.13
C VAL A 225 -0.80 17.29 -2.98
N GLY A 226 -0.33 18.54 -2.94
CA GLY A 226 0.64 18.99 -3.92
C GLY A 226 0.06 18.74 -5.30
N PRO A 227 0.79 18.06 -6.17
CA PRO A 227 0.32 17.84 -7.54
C PRO A 227 -0.51 16.59 -7.70
N TRP A 228 -0.75 15.84 -6.61
CA TRP A 228 -1.35 14.52 -6.69
C TRP A 228 -2.86 14.62 -6.43
N VAL A 229 -3.60 13.91 -7.26
CA VAL A 229 -5.05 13.77 -7.11
C VAL A 229 -5.33 12.61 -6.17
N VAL A 230 -5.86 12.90 -4.99
CA VAL A 230 -5.95 11.86 -3.96
C VAL A 230 -7.37 11.36 -3.74
N ASN A 231 -8.39 12.03 -4.27
CA ASN A 231 -9.76 11.54 -4.20
C ASN A 231 -10.06 10.77 -5.48
N PHE A 232 -11.28 10.28 -5.55
CA PHE A 232 -11.73 9.46 -6.66
C PHE A 232 -13.22 9.34 -6.49
N ALA A 233 -13.88 9.14 -7.62
CA ALA A 233 -15.32 8.91 -7.60
C ALA A 233 -15.60 7.51 -7.06
N GLN A 234 -16.44 7.42 -6.04
CA GLN A 234 -16.75 6.14 -5.40
C GLN A 234 -17.98 5.52 -6.08
N LYS A 235 -17.80 5.23 -7.35
CA LYS A 235 -18.90 4.72 -8.16
C LYS A 235 -19.17 3.27 -7.81
N SER A 236 -20.45 2.89 -7.81
CA SER A 236 -20.77 1.48 -7.71
C SER A 236 -20.19 0.73 -8.89
N PHE A 237 -19.82 -0.52 -8.68
CA PHE A 237 -19.32 -1.31 -9.79
C PHE A 237 -20.43 -1.61 -10.78
N SER A 238 -21.68 -1.64 -10.30
CA SER A 238 -22.82 -1.74 -11.20
C SER A 238 -22.83 -0.58 -12.18
N GLU A 239 -22.61 0.64 -11.67
CA GLU A 239 -22.53 1.79 -12.56
C GLU A 239 -21.29 1.74 -13.44
N LEU A 240 -20.17 1.24 -12.92
CA LEU A 240 -18.97 1.09 -13.73
C LEU A 240 -19.05 -0.05 -14.73
N GLY A 241 -20.04 -0.93 -14.63
CA GLY A 241 -20.11 -2.05 -15.54
C GLY A 241 -19.10 -3.15 -15.26
N LEU A 242 -18.68 -3.31 -14.00
CA LEU A 242 -17.78 -4.36 -13.61
C LEU A 242 -18.53 -5.37 -12.76
N GLN A 243 -18.30 -6.65 -13.03
CA GLN A 243 -19.00 -7.63 -12.23
C GLN A 243 -18.33 -7.76 -10.87
N GLN A 244 -19.14 -8.14 -9.89
CA GLN A 244 -18.73 -8.27 -8.52
C GLN A 244 -18.82 -9.75 -8.16
N LEU A 245 -17.67 -10.37 -7.95
CA LEU A 245 -17.62 -11.82 -7.72
C LEU A 245 -17.75 -12.14 -6.25
N LYS A 246 -18.32 -13.29 -5.97
CA LYS A 246 -18.24 -13.84 -4.62
C LYS A 246 -16.94 -14.64 -4.53
N ALA A 247 -16.11 -14.30 -3.56
CA ALA A 247 -14.84 -14.99 -3.41
C ALA A 247 -15.09 -16.32 -2.72
N THR A 248 -14.95 -17.40 -3.46
CA THR A 248 -14.93 -18.73 -2.87
C THR A 248 -13.52 -19.28 -2.95
N VAL A 249 -13.26 -20.31 -2.15
CA VAL A 249 -11.99 -21.01 -2.21
C VAL A 249 -11.59 -21.33 -3.65
N PRO A 250 -12.44 -21.96 -4.47
CA PRO A 250 -12.03 -22.27 -5.85
C PRO A 250 -11.72 -21.05 -6.68
N VAL A 251 -12.54 -20.00 -6.58
CA VAL A 251 -12.31 -18.77 -7.32
C VAL A 251 -10.98 -18.15 -6.89
N ILE A 252 -10.74 -18.13 -5.59
CA ILE A 252 -9.52 -17.50 -5.09
C ILE A 252 -8.29 -18.25 -5.60
N LYS A 253 -8.31 -19.59 -5.52
CA LYS A 253 -7.15 -20.37 -5.94
C LYS A 253 -6.83 -20.13 -7.40
N GLY A 254 -7.85 -20.10 -8.25
CA GLY A 254 -7.63 -19.89 -9.67
C GLY A 254 -7.04 -18.53 -9.96
N PHE A 255 -7.54 -17.49 -9.28
CA PHE A 255 -6.99 -16.15 -9.51
C PHE A 255 -5.57 -16.05 -8.98
N LEU A 256 -5.31 -16.70 -7.85
CA LEU A 256 -3.94 -16.71 -7.33
C LEU A 256 -3.00 -17.45 -8.27
N ARG A 257 -3.41 -18.60 -8.79
N ARG A 257 -3.42 -18.59 -8.80
CA ARG A 257 -2.58 -19.31 -9.77
CA ARG A 257 -2.57 -19.30 -9.76
C ARG A 257 -2.22 -18.38 -10.91
C ARG A 257 -2.22 -18.38 -10.92
N ASN A 258 -3.23 -17.71 -11.47
CA ASN A 258 -3.01 -16.83 -12.61
C ASN A 258 -2.20 -15.60 -12.23
N PHE A 259 -2.39 -15.08 -11.02
CA PHE A 259 -1.58 -13.94 -10.56
C PHE A 259 -0.10 -14.29 -10.55
N PHE A 260 0.26 -15.43 -9.95
CA PHE A 260 1.66 -15.77 -9.84
C PHE A 260 2.24 -16.13 -11.20
N ALA A 261 1.44 -16.77 -12.06
CA ALA A 261 1.90 -17.07 -13.42
C ALA A 261 2.17 -15.80 -14.19
N TYR A 262 1.28 -14.81 -14.04
CA TYR A 262 1.44 -13.56 -14.75
C TYR A 262 2.73 -12.86 -14.35
N PHE A 263 2.99 -12.74 -13.03
CA PHE A 263 4.19 -12.02 -12.61
C PHE A 263 5.45 -12.86 -12.76
N ALA A 264 5.34 -14.19 -12.91
CA ALA A 264 6.50 -14.99 -13.27
C ALA A 264 7.02 -14.63 -14.66
N LYS A 265 6.13 -14.25 -15.58
CA LYS A 265 6.48 -14.08 -16.99
C LYS A 265 6.39 -12.63 -17.45
N PHE A 266 6.14 -11.70 -16.53
CA PHE A 266 6.11 -10.29 -16.83
C PHE A 266 7.48 -9.81 -17.33
N ASP A 267 7.48 -8.86 -18.27
CA ASP A 267 8.70 -8.30 -18.83
C ASP A 267 9.00 -7.02 -18.05
N TYR A 268 9.76 -7.15 -16.97
CA TYR A 268 10.12 -6.02 -16.11
C TYR A 268 11.13 -5.09 -16.77
N GLU A 269 11.77 -5.52 -17.86
CA GLU A 269 12.70 -4.63 -18.56
C GLU A 269 11.98 -3.52 -19.31
N HIS A 270 10.80 -3.81 -19.88
CA HIS A 270 10.13 -2.85 -20.74
C HIS A 270 8.82 -2.31 -20.20
N PHE A 271 8.20 -3.00 -19.23
CA PHE A 271 6.87 -2.62 -18.78
C PHE A 271 6.86 -2.41 -17.27
N LEU A 272 5.88 -1.64 -16.81
CA LEU A 272 5.69 -1.40 -15.39
C LEU A 272 4.30 -1.82 -14.98
N VAL A 273 4.18 -2.12 -13.69
CA VAL A 273 2.89 -2.35 -13.06
C VAL A 273 2.26 -0.99 -12.81
N CYS A 274 1.09 -0.75 -13.39
CA CYS A 274 0.55 0.61 -13.53
C CYS A 274 -0.95 0.62 -13.25
N PRO A 275 -1.33 0.53 -11.97
CA PRO A 275 -2.76 0.64 -11.62
C PRO A 275 -3.40 1.98 -11.96
N TYR A 276 -2.61 3.05 -12.16
CA TYR A 276 -3.18 4.31 -12.64
C TYR A 276 -3.85 4.12 -14.00
N ILE A 277 -3.13 3.52 -14.94
CA ILE A 277 -3.67 3.32 -16.29
C ILE A 277 -4.54 2.07 -16.37
N GLY A 278 -4.15 1.01 -15.67
CA GLY A 278 -4.98 -0.17 -15.59
C GLY A 278 -5.16 -0.92 -16.89
N GLN A 279 -4.19 -0.84 -17.80
CA GLN A 279 -4.26 -1.58 -19.06
C GLN A 279 -2.99 -2.41 -19.21
N ALA A 280 -3.05 -3.41 -20.08
CA ALA A 280 -1.89 -4.25 -20.31
C ALA A 280 -0.75 -3.48 -20.97
N ASN A 281 0.48 -3.96 -20.72
CA ASN A 281 1.67 -3.55 -21.47
C ASN A 281 1.88 -2.03 -21.46
N VAL A 282 2.01 -1.48 -20.26
CA VAL A 282 2.29 -0.06 -20.09
C VAL A 282 3.81 0.10 -20.10
N GLU A 283 4.31 0.78 -21.13
CA GLU A 283 5.75 0.83 -21.38
C GLU A 283 6.46 1.82 -20.48
N ILE A 284 7.57 1.36 -19.91
CA ILE A 284 8.47 2.26 -19.16
C ILE A 284 8.84 3.45 -20.02
N ALA A 285 9.06 3.23 -21.32
CA ALA A 285 9.51 4.29 -22.22
C ALA A 285 8.45 5.36 -22.44
N LYS A 286 7.19 5.09 -22.11
CA LYS A 286 6.09 5.97 -22.45
C LYS A 286 5.33 6.52 -21.26
N ILE A 287 5.54 6.01 -20.05
CA ILE A 287 4.62 6.31 -18.96
C ILE A 287 4.64 7.79 -18.61
N GLU A 288 5.79 8.44 -18.68
CA GLU A 288 5.85 9.80 -18.19
C GLU A 288 5.05 10.75 -19.07
N ARG A 289 4.84 10.38 -20.33
CA ARG A 289 4.03 11.20 -21.23
C ARG A 289 2.54 10.87 -21.14
N MET A 290 2.16 9.89 -20.33
CA MET A 290 0.77 9.47 -20.18
C MET A 290 0.13 9.96 -18.89
N LEU A 291 0.84 10.73 -18.08
CA LEU A 291 0.31 11.13 -16.79
C LEU A 291 -0.36 12.50 -16.89
N HIS A 292 -1.04 12.92 -15.82
CA HIS A 292 -1.76 14.18 -15.91
C HIS A 292 -0.78 15.35 -15.95
N ALA A 293 -1.29 16.50 -16.42
CA ALA A 293 -0.44 17.65 -16.67
C ALA A 293 0.25 18.15 -15.41
N ARG A 294 -0.33 17.88 -14.24
CA ARG A 294 0.33 18.32 -13.03
C ARG A 294 1.61 17.55 -12.78
N TYR A 295 1.68 16.28 -13.20
CA TYR A 295 2.92 15.55 -13.07
C TYR A 295 4.02 16.23 -13.86
N SER A 296 3.75 16.53 -15.14
CA SER A 296 4.75 17.18 -15.98
C SER A 296 5.20 18.51 -15.39
N ALA A 297 4.24 19.31 -14.93
CA ALA A 297 4.59 20.60 -14.34
C ALA A 297 5.43 20.43 -13.09
N TYR A 298 5.11 19.41 -12.28
CA TYR A 298 5.85 19.18 -11.05
C TYR A 298 7.29 18.76 -11.34
N VAL A 299 7.45 17.83 -12.29
CA VAL A 299 8.81 17.37 -12.59
C VAL A 299 9.59 18.44 -13.34
N SER A 300 8.92 19.21 -14.21
CA SER A 300 9.58 20.35 -14.85
C SER A 300 10.21 21.26 -13.81
N ASP A 301 9.43 21.64 -12.80
CA ASP A 301 9.97 22.49 -11.75
C ASP A 301 10.90 21.74 -10.81
N ASN A 302 10.85 20.41 -10.80
CA ASN A 302 11.64 19.60 -9.86
C ASN A 302 12.14 18.37 -10.58
N PRO A 303 13.19 18.50 -11.39
CA PRO A 303 13.61 17.38 -12.23
C PRO A 303 14.17 16.23 -11.43
N GLU A 304 14.63 16.46 -10.20
CA GLU A 304 15.14 15.34 -9.41
C GLU A 304 14.04 14.50 -8.80
N CYS A 305 12.78 14.81 -9.09
CA CYS A 305 11.66 14.17 -8.42
C CYS A 305 10.80 13.34 -9.36
N SER A 306 11.31 13.02 -10.55
CA SER A 306 10.53 12.17 -11.47
C SER A 306 10.60 10.71 -11.02
N ILE A 307 9.65 9.92 -11.55
CA ILE A 307 9.59 8.51 -11.15
C ILE A 307 10.88 7.80 -11.54
N GLN A 308 11.33 6.92 -10.67
CA GLN A 308 12.61 6.22 -10.86
C GLN A 308 12.37 5.00 -11.74
N LEU A 309 12.69 5.15 -13.02
CA LEU A 309 12.40 4.13 -14.03
C LEU A 309 13.62 3.28 -14.38
N LYS A 310 14.81 3.73 -14.04
CA LYS A 310 16.02 2.98 -14.35
C LYS A 310 16.31 2.03 -13.18
N LYS A 311 15.39 1.09 -13.01
CA LYS A 311 15.37 0.15 -11.89
C LYS A 311 14.89 -1.20 -12.41
N PRO A 312 15.32 -2.30 -11.79
CA PRO A 312 14.86 -3.62 -12.25
C PRO A 312 13.36 -3.79 -12.27
N MET A 313 12.67 -3.23 -11.29
CA MET A 313 11.25 -3.49 -11.10
C MET A 313 10.54 -2.17 -10.86
N VAL A 314 9.57 -1.86 -11.71
CA VAL A 314 8.82 -0.61 -11.63
C VAL A 314 7.35 -0.93 -11.33
N VAL A 315 6.88 -0.49 -10.16
CA VAL A 315 5.49 -0.56 -9.74
C VAL A 315 5.11 0.85 -9.31
N GLN A 316 4.23 1.49 -10.07
CA GLN A 316 3.91 2.89 -9.86
C GLN A 316 2.74 3.09 -8.90
N ASP A 317 2.96 3.88 -7.86
CA ASP A 317 1.85 4.26 -6.99
C ASP A 317 0.81 4.99 -7.83
N PRO A 318 -0.49 4.64 -7.72
CA PRO A 318 -1.50 5.22 -8.60
C PRO A 318 -1.96 6.62 -8.21
N ILE A 319 -1.53 7.11 -7.06
CA ILE A 319 -1.80 8.47 -6.60
C ILE A 319 -0.53 9.33 -6.62
N GLN A 320 0.52 8.87 -5.95
CA GLN A 320 1.80 9.58 -5.95
C GLN A 320 2.57 9.04 -7.15
N LEU A 321 2.23 9.60 -8.32
CA LEU A 321 2.65 9.03 -9.59
C LEU A 321 4.15 9.11 -9.82
N ASN A 322 4.91 9.87 -9.02
CA ASN A 322 6.37 9.87 -9.15
C ASN A 322 7.04 8.80 -8.28
N HIS A 323 6.28 7.90 -7.64
CA HIS A 323 6.86 6.92 -6.74
C HIS A 323 6.81 5.51 -7.35
N ASN A 324 7.99 4.99 -7.70
CA ASN A 324 8.18 3.57 -7.98
C ASN A 324 8.38 2.88 -6.65
N VAL A 325 7.31 2.24 -6.15
CA VAL A 325 7.33 1.64 -4.81
C VAL A 325 8.27 0.46 -4.70
N THR A 326 8.70 -0.13 -5.82
CA THR A 326 9.71 -1.18 -5.83
C THR A 326 11.10 -0.71 -6.28
N LYS A 327 11.39 0.58 -6.15
CA LYS A 327 12.67 1.14 -6.56
C LYS A 327 13.86 0.48 -5.87
N ALA A 328 13.65 -0.18 -4.72
CA ALA A 328 14.77 -0.77 -4.00
C ALA A 328 15.00 -2.23 -4.36
N VAL A 329 14.16 -2.81 -5.20
CA VAL A 329 14.35 -4.18 -5.63
C VAL A 329 15.60 -4.27 -6.50
N THR A 330 16.49 -5.19 -6.17
CA THR A 330 17.73 -5.43 -6.90
C THR A 330 17.50 -6.43 -8.03
N LYS A 331 18.48 -6.53 -8.93
CA LYS A 331 18.36 -7.54 -9.99
C LYS A 331 18.15 -8.94 -9.41
N TYR A 332 18.93 -9.31 -8.37
CA TYR A 332 18.77 -10.63 -7.79
C TYR A 332 17.46 -10.74 -7.01
N GLY A 333 17.04 -9.66 -6.36
CA GLY A 333 15.77 -9.70 -5.67
C GLY A 333 14.61 -9.91 -6.62
N LEU A 334 14.67 -9.28 -7.79
CA LEU A 334 13.65 -9.49 -8.81
C LEU A 334 13.69 -10.94 -9.31
N GLN A 335 14.88 -11.47 -9.55
CA GLN A 335 14.97 -12.87 -9.99
C GLN A 335 14.38 -13.78 -8.94
N THR A 336 14.66 -13.51 -7.67
CA THR A 336 14.11 -14.31 -6.59
C THR A 336 12.59 -14.25 -6.60
N PHE A 337 12.03 -13.06 -6.72
CA PHE A 337 10.57 -12.92 -6.74
C PHE A 337 9.98 -13.69 -7.91
N VAL A 338 10.59 -13.54 -9.09
CA VAL A 338 10.10 -14.20 -10.31
C VAL A 338 10.14 -15.71 -10.16
N ASP A 339 11.26 -16.22 -9.64
CA ASP A 339 11.40 -17.67 -9.44
C ASP A 339 10.37 -18.17 -8.42
N TYR A 340 10.15 -17.42 -7.34
CA TYR A 340 9.15 -17.85 -6.38
C TYR A 340 7.75 -17.82 -6.98
N CYS A 341 7.44 -16.81 -7.81
CA CYS A 341 6.15 -16.77 -8.49
C CYS A 341 5.96 -18.01 -9.35
N GLN A 342 6.99 -18.33 -10.15
CA GLN A 342 6.94 -19.49 -11.03
C GLN A 342 6.63 -20.76 -10.25
N GLN A 343 7.37 -20.98 -9.16
CA GLN A 343 7.19 -22.21 -8.40
C GLN A 343 5.84 -22.24 -7.72
N THR A 344 5.35 -21.07 -7.28
CA THR A 344 4.05 -21.02 -6.61
C THR A 344 2.93 -21.32 -7.60
N ALA A 345 2.98 -20.73 -8.79
CA ALA A 345 1.94 -21.03 -9.77
C ALA A 345 1.92 -22.50 -10.09
N GLU A 346 3.09 -23.12 -10.19
CA GLU A 346 3.18 -24.54 -10.47
C GLU A 346 2.51 -25.35 -9.38
N LEU A 347 2.71 -24.97 -8.12
CA LEU A 347 2.15 -25.71 -7.01
C LEU A 347 0.65 -25.50 -6.85
N LEU A 348 0.10 -24.45 -7.46
CA LEU A 348 -1.32 -24.16 -7.39
C LEU A 348 -2.12 -24.78 -8.53
N GLU A 349 -1.45 -25.46 -9.46
CA GLU A 349 -2.15 -26.08 -10.58
C GLU A 349 -2.98 -27.27 -10.11
N GLU A 350 -4.12 -27.48 -10.78
CA GLU A 350 -5.00 -28.61 -10.49
C GLU A 350 -4.64 -29.83 -11.33
#